data_4E9M
#
_entry.id   4E9M
#
_cell.length_a   82.846
_cell.length_b   85.335
_cell.length_c   113.682
_cell.angle_alpha   90.00
_cell.angle_beta   90.00
_cell.angle_gamma   90.00
#
_symmetry.space_group_name_H-M   'P 21 21 21'
#
loop_
_entity.id
_entity.type
_entity.pdbx_description
1 polymer 'Nucleotide-binding oligomerization domain-containing protein 1'
2 non-polymer 'CITRATE ANION'
3 water water
#
_entity_poly.entity_id   1
_entity_poly.type   'polypeptide(L)'
_entity_poly.pdbx_seq_one_letter_code
;MHHHHHHEEQGHSEMEIIPSESHPHIQLLKSNRELLVTHIRNTQCLVDNLLKNDYFSAEDAEIVCACPTQPDKVRKILDL
VQSKGEEVSEFFLYLLQQLADAYVDLRPWLLEIGFSPSLLTQSKVVVNTDPVSRYTQQLRHHLG
;
_entity_poly.pdbx_strand_id   A,B,C,D,E,F
#
loop_
_chem_comp.id
_chem_comp.type
_chem_comp.name
_chem_comp.formula
FLC non-polymer 'CITRATE ANION' 'C6 H5 O7 -3'
#
# COMPACT_ATOMS: atom_id res chain seq x y z
N SER A 20 -7.23 -3.62 -29.81
CA SER A 20 -7.62 -4.84 -30.56
C SER A 20 -9.11 -4.84 -30.85
N GLU A 21 -9.79 -5.96 -30.55
CA GLU A 21 -11.22 -6.06 -30.75
C GLU A 21 -11.94 -6.80 -29.62
N SER A 22 -11.18 -7.60 -28.87
CA SER A 22 -11.74 -8.34 -27.74
C SER A 22 -11.10 -7.82 -26.46
N HIS A 23 -11.91 -7.49 -25.47
CA HIS A 23 -11.40 -6.96 -24.19
C HIS A 23 -12.21 -7.47 -23.01
N PRO A 24 -12.01 -8.74 -22.63
CA PRO A 24 -12.73 -9.37 -21.51
C PRO A 24 -12.51 -8.71 -20.15
N HIS A 25 -11.25 -8.42 -19.82
CA HIS A 25 -10.92 -7.81 -18.53
C HIS A 25 -11.51 -6.42 -18.41
N ILE A 26 -11.38 -5.62 -19.45
CA ILE A 26 -11.93 -4.27 -19.46
C ILE A 26 -13.45 -4.34 -19.23
N GLN A 27 -14.09 -5.26 -19.93
CA GLN A 27 -15.54 -5.42 -19.85
C GLN A 27 -16.01 -5.90 -18.48
N LEU A 28 -15.24 -6.78 -17.86
CA LEU A 28 -15.57 -7.31 -16.56
C LEU A 28 -15.65 -6.14 -15.56
N LEU A 29 -14.68 -5.23 -15.65
CA LEU A 29 -14.67 -4.06 -14.77
C LEU A 29 -15.85 -3.15 -15.06
N LYS A 30 -16.10 -2.88 -16.33
CA LYS A 30 -17.19 -2.00 -16.73
C LYS A 30 -18.57 -2.46 -16.22
N SER A 31 -18.84 -3.75 -16.38
CA SER A 31 -20.11 -4.37 -15.97
C SER A 31 -20.32 -4.42 -14.46
N ASN A 32 -19.24 -4.34 -13.70
CA ASN A 32 -19.35 -4.44 -12.26
C ASN A 32 -18.93 -3.19 -11.53
N ARG A 33 -19.02 -2.08 -12.24
CA ARG A 33 -18.66 -0.79 -11.72
C ARG A 33 -19.19 -0.47 -10.31
N GLU A 34 -20.50 -0.44 -10.16
CA GLU A 34 -21.11 -0.13 -8.87
C GLU A 34 -20.76 -1.12 -7.79
N LEU A 35 -20.65 -2.38 -8.17
CA LEU A 35 -20.29 -3.41 -7.23
C LEU A 35 -18.86 -3.13 -6.74
N LEU A 36 -17.99 -2.70 -7.65
CA LEU A 36 -16.61 -2.42 -7.31
C LEU A 36 -16.46 -1.16 -6.46
N VAL A 37 -17.22 -0.13 -6.80
CA VAL A 37 -17.17 1.14 -6.08
C VAL A 37 -17.66 1.03 -4.65
N THR A 38 -18.56 0.09 -4.37
CA THR A 38 -19.07 -0.06 -3.03
C THR A 38 -18.34 -1.14 -2.23
N HIS A 39 -17.66 -2.05 -2.90
CA HIS A 39 -16.95 -3.11 -2.19
C HIS A 39 -15.46 -2.86 -1.99
N ILE A 40 -14.90 -1.89 -2.71
CA ILE A 40 -13.49 -1.58 -2.54
C ILE A 40 -13.37 -0.48 -1.49
N ARG A 41 -12.88 -0.81 -0.31
CA ARG A 41 -12.76 0.22 0.72
C ARG A 41 -11.34 0.59 1.10
N ASN A 42 -10.48 0.66 0.08
CA ASN A 42 -9.10 1.11 0.24
C ASN A 42 -8.52 1.41 -1.13
N THR A 43 -8.17 2.66 -1.36
CA THR A 43 -7.63 3.03 -2.66
C THR A 43 -6.11 3.17 -2.72
N GLN A 44 -5.47 3.53 -1.61
CA GLN A 44 -4.02 3.71 -1.65
C GLN A 44 -3.17 2.51 -2.04
N CYS A 45 -3.46 1.31 -1.52
CA CYS A 45 -2.64 0.15 -1.91
C CYS A 45 -2.75 -0.05 -3.41
N LEU A 46 -3.95 0.20 -3.95
CA LEU A 46 -4.18 0.03 -5.37
C LEU A 46 -3.32 1.01 -6.18
N VAL A 47 -3.41 2.29 -5.85
CA VAL A 47 -2.64 3.30 -6.58
C VAL A 47 -1.14 3.06 -6.43
N ASP A 48 -0.69 2.71 -5.23
CA ASP A 48 0.74 2.46 -5.02
C ASP A 48 1.20 1.31 -5.90
N ASN A 49 0.38 0.27 -6.00
CA ASN A 49 0.75 -0.88 -6.82
C ASN A 49 0.77 -0.55 -8.30
N LEU A 50 -0.18 0.26 -8.75
CA LEU A 50 -0.25 0.66 -10.14
C LEU A 50 0.98 1.49 -10.50
N LEU A 51 1.45 2.29 -9.54
CA LEU A 51 2.63 3.14 -9.75
C LEU A 51 3.89 2.31 -9.80
N LYS A 52 4.06 1.44 -8.81
CA LYS A 52 5.23 0.58 -8.70
C LYS A 52 5.37 -0.34 -9.90
N ASN A 53 4.26 -0.64 -10.55
CA ASN A 53 4.29 -1.53 -11.71
C ASN A 53 4.28 -0.74 -13.00
N ASP A 54 4.45 0.58 -12.87
CA ASP A 54 4.50 1.50 -14.00
C ASP A 54 3.27 1.46 -14.91
N TYR A 55 2.08 1.38 -14.31
CA TYR A 55 0.85 1.38 -15.09
C TYR A 55 0.13 2.70 -14.86
N PHE A 56 0.52 3.37 -13.79
CA PHE A 56 -0.02 4.68 -13.43
C PHE A 56 1.18 5.61 -13.32
N SER A 57 1.03 6.86 -13.74
CA SER A 57 2.09 7.88 -13.66
C SER A 57 1.78 8.76 -12.46
N ALA A 58 2.68 9.68 -12.15
CA ALA A 58 2.48 10.60 -11.04
C ALA A 58 1.20 11.41 -11.31
N GLU A 59 1.00 11.83 -12.55
CA GLU A 59 -0.19 12.60 -12.87
C GLU A 59 -1.47 11.81 -12.62
N ASP A 60 -1.48 10.52 -12.99
CA ASP A 60 -2.65 9.67 -12.78
C ASP A 60 -3.01 9.66 -11.29
N ALA A 61 -2.01 9.38 -10.45
CA ALA A 61 -2.22 9.34 -9.02
C ALA A 61 -2.79 10.67 -8.53
N GLU A 62 -2.21 11.75 -9.04
CA GLU A 62 -2.61 13.12 -8.72
C GLU A 62 -4.08 13.32 -9.04
N ILE A 63 -4.50 12.81 -10.19
CA ILE A 63 -5.88 12.92 -10.63
C ILE A 63 -6.80 12.18 -9.65
N VAL A 64 -6.36 11.03 -9.15
CA VAL A 64 -7.18 10.26 -8.21
C VAL A 64 -7.28 11.01 -6.88
N CYS A 65 -6.17 11.56 -6.41
CA CYS A 65 -6.16 12.32 -5.17
C CYS A 65 -7.15 13.47 -5.20
N ALA A 66 -7.29 14.09 -6.35
CA ALA A 66 -8.20 15.23 -6.52
C ALA A 66 -9.68 14.91 -6.39
N CYS A 67 -10.03 13.62 -6.35
CA CYS A 67 -11.44 13.26 -6.21
C CYS A 67 -11.91 13.57 -4.79
N PRO A 68 -13.12 14.14 -4.65
CA PRO A 68 -13.64 14.50 -3.32
C PRO A 68 -13.99 13.37 -2.33
N THR A 69 -14.35 12.19 -2.82
CA THR A 69 -14.71 11.08 -1.93
C THR A 69 -13.96 9.79 -2.29
N GLN A 70 -14.03 8.77 -1.45
CA GLN A 70 -13.34 7.54 -1.78
C GLN A 70 -14.08 6.85 -2.93
N PRO A 71 -15.42 6.77 -2.87
CA PRO A 71 -16.15 6.15 -3.98
C PRO A 71 -15.77 6.84 -5.30
N ASP A 72 -15.56 8.15 -5.26
CA ASP A 72 -15.19 8.84 -6.51
C ASP A 72 -13.78 8.44 -6.94
N LYS A 73 -12.92 8.18 -5.97
CA LYS A 73 -11.56 7.77 -6.28
C LYS A 73 -11.58 6.40 -6.94
N VAL A 74 -12.42 5.51 -6.43
CA VAL A 74 -12.54 4.18 -7.02
C VAL A 74 -13.08 4.29 -8.45
N ARG A 75 -14.06 5.16 -8.67
CA ARG A 75 -14.60 5.35 -10.02
C ARG A 75 -13.50 5.86 -10.94
N LYS A 76 -12.70 6.80 -10.43
CA LYS A 76 -11.61 7.39 -11.20
C LYS A 76 -10.56 6.35 -11.53
N ILE A 77 -10.17 5.55 -10.55
CA ILE A 77 -9.19 4.50 -10.76
C ILE A 77 -9.69 3.51 -11.82
N LEU A 78 -10.96 3.16 -11.75
CA LEU A 78 -11.54 2.23 -12.72
C LEU A 78 -11.56 2.83 -14.12
N ASP A 79 -11.86 4.12 -14.21
CA ASP A 79 -11.87 4.80 -15.50
C ASP A 79 -10.48 4.74 -16.10
N LEU A 80 -9.50 5.14 -15.30
CA LEU A 80 -8.13 5.16 -15.76
C LEU A 80 -7.67 3.76 -16.19
N VAL A 81 -7.89 2.78 -15.33
CA VAL A 81 -7.49 1.41 -15.62
C VAL A 81 -8.13 0.90 -16.92
N GLN A 82 -9.44 1.11 -17.06
CA GLN A 82 -10.13 0.67 -18.27
C GLN A 82 -9.58 1.33 -19.53
N SER A 83 -9.25 2.61 -19.44
CA SER A 83 -8.73 3.31 -20.59
C SER A 83 -7.28 2.94 -20.89
N LYS A 84 -6.53 2.53 -19.88
CA LYS A 84 -5.13 2.14 -20.11
C LYS A 84 -5.11 0.88 -20.96
N GLY A 85 -6.15 0.06 -20.84
CA GLY A 85 -6.20 -1.14 -21.65
C GLY A 85 -6.37 -2.50 -20.97
N GLU A 86 -6.31 -3.52 -21.81
CA GLU A 86 -6.47 -4.90 -21.40
C GLU A 86 -5.37 -5.42 -20.47
N GLU A 87 -4.12 -5.05 -20.75
CA GLU A 87 -3.01 -5.50 -19.90
C GLU A 87 -3.13 -4.93 -18.48
N VAL A 88 -3.45 -3.64 -18.39
CA VAL A 88 -3.57 -3.00 -17.10
C VAL A 88 -4.84 -3.47 -16.36
N SER A 89 -5.92 -3.70 -17.10
CA SER A 89 -7.15 -4.18 -16.47
C SER A 89 -6.96 -5.60 -15.97
N GLU A 90 -6.17 -6.39 -16.69
CA GLU A 90 -5.93 -7.76 -16.24
C GLU A 90 -5.07 -7.70 -14.99
N PHE A 91 -4.07 -6.82 -15.00
CA PHE A 91 -3.19 -6.66 -13.85
C PHE A 91 -4.00 -6.27 -12.62
N PHE A 92 -4.88 -5.28 -12.81
CA PHE A 92 -5.73 -4.75 -11.76
C PHE A 92 -6.62 -5.83 -11.12
N LEU A 93 -7.21 -6.69 -11.95
CA LEU A 93 -8.04 -7.78 -11.44
C LEU A 93 -7.24 -8.77 -10.60
N TYR A 94 -6.03 -9.10 -11.04
CA TYR A 94 -5.17 -10.02 -10.28
C TYR A 94 -4.67 -9.32 -9.02
N LEU A 95 -4.64 -8.00 -9.05
CA LEU A 95 -4.21 -7.22 -7.89
C LEU A 95 -5.31 -7.28 -6.83
N LEU A 96 -6.57 -7.15 -7.24
CA LEU A 96 -7.69 -7.23 -6.30
C LEU A 96 -7.75 -8.63 -5.70
N GLN A 97 -7.51 -9.63 -6.54
CA GLN A 97 -7.53 -11.01 -6.05
C GLN A 97 -6.47 -11.18 -4.96
N GLN A 98 -5.24 -10.75 -5.25
CA GLN A 98 -4.15 -10.87 -4.30
C GLN A 98 -4.40 -10.07 -3.02
N LEU A 99 -4.91 -8.86 -3.17
CA LEU A 99 -5.20 -8.03 -2.00
C LEU A 99 -6.33 -8.65 -1.17
N ALA A 100 -7.31 -9.24 -1.85
CA ALA A 100 -8.43 -9.87 -1.14
C ALA A 100 -7.95 -11.10 -0.35
N ASP A 101 -6.85 -11.71 -0.78
CA ASP A 101 -6.31 -12.88 -0.09
C ASP A 101 -5.29 -12.47 0.95
N ALA A 102 -4.79 -11.25 0.80
CA ALA A 102 -3.74 -10.74 1.67
C ALA A 102 -4.03 -10.71 3.17
N TYR A 103 -5.23 -10.26 3.54
CA TYR A 103 -5.59 -10.13 4.94
C TYR A 103 -6.86 -10.87 5.36
N VAL A 104 -7.53 -11.50 4.40
CA VAL A 104 -8.78 -12.20 4.69
C VAL A 104 -8.67 -13.20 5.85
N ASP A 105 -7.56 -13.92 5.93
CA ASP A 105 -7.39 -14.92 6.99
C ASP A 105 -7.24 -14.40 8.42
N LEU A 106 -7.31 -13.08 8.62
CA LEU A 106 -7.18 -12.48 9.94
C LEU A 106 -8.57 -12.14 10.49
N ARG A 107 -9.56 -12.18 9.60
CA ARG A 107 -10.94 -11.87 9.96
C ARG A 107 -11.46 -12.73 11.12
N PRO A 108 -11.33 -14.07 11.01
CA PRO A 108 -11.80 -14.92 12.11
C PRO A 108 -11.21 -14.44 13.43
N TRP A 109 -9.89 -14.36 13.48
CA TRP A 109 -9.19 -13.94 14.68
C TRP A 109 -9.62 -12.55 15.18
N LEU A 110 -9.59 -11.54 14.31
CA LEU A 110 -9.98 -10.18 14.70
C LEU A 110 -11.38 -10.14 15.28
N LEU A 111 -12.25 -11.01 14.81
CA LEU A 111 -13.61 -11.05 15.32
C LEU A 111 -13.66 -11.72 16.70
N GLU A 112 -12.95 -12.83 16.86
CA GLU A 112 -12.92 -13.54 18.13
C GLU A 112 -12.30 -12.71 19.25
N ILE A 113 -11.21 -12.00 18.96
CA ILE A 113 -10.57 -11.19 20.00
C ILE A 113 -11.41 -9.97 20.34
N GLY A 114 -12.71 -10.07 20.07
CA GLY A 114 -13.62 -8.99 20.36
C GLY A 114 -13.13 -7.66 19.81
N PHE A 115 -12.39 -7.72 18.71
CA PHE A 115 -11.88 -6.50 18.10
C PHE A 115 -12.97 -5.93 17.22
N SER A 116 -14.03 -5.42 17.84
CA SER A 116 -15.17 -4.83 17.14
C SER A 116 -15.72 -5.78 16.08
N SER B 22 1.79 -1.26 31.61
CA SER B 22 0.75 -2.04 30.87
C SER B 22 0.83 -1.82 29.34
N HIS B 23 0.84 -2.92 28.57
CA HIS B 23 0.94 -2.83 27.11
C HIS B 23 0.17 -3.94 26.40
N PRO B 24 -1.17 -3.90 26.47
CA PRO B 24 -2.09 -4.86 25.87
C PRO B 24 -1.92 -5.10 24.37
N HIS B 25 -1.80 -4.02 23.60
CA HIS B 25 -1.65 -4.15 22.16
C HIS B 25 -0.35 -4.82 21.77
N ILE B 26 0.75 -4.43 22.42
CA ILE B 26 2.04 -5.04 22.16
C ILE B 26 1.96 -6.55 22.45
N GLN B 27 1.35 -6.89 23.57
CA GLN B 27 1.22 -8.29 23.98
C GLN B 27 0.34 -9.12 23.05
N LEU B 28 -0.72 -8.51 22.54
CA LEU B 28 -1.62 -9.19 21.63
C LEU B 28 -0.83 -9.64 20.39
N LEU B 29 0.03 -8.76 19.89
CA LEU B 29 0.85 -9.07 18.72
C LEU B 29 1.86 -10.17 19.06
N LYS B 30 2.56 -9.99 20.18
CA LYS B 30 3.57 -10.95 20.63
C LYS B 30 3.03 -12.38 20.81
N SER B 31 1.81 -12.50 21.34
CA SER B 31 1.14 -13.78 21.58
C SER B 31 0.59 -14.44 20.33
N ASN B 32 0.40 -13.66 19.28
CA ASN B 32 -0.17 -14.19 18.06
C ASN B 32 0.77 -14.12 16.88
N ARG B 33 2.05 -14.08 17.18
CA ARG B 33 3.09 -13.99 16.18
C ARG B 33 2.94 -14.93 15.00
N GLU B 34 2.93 -16.24 15.26
CA GLU B 34 2.82 -17.23 14.19
C GLU B 34 1.51 -17.14 13.42
N LEU B 35 0.44 -16.79 14.09
CA LEU B 35 -0.81 -16.64 13.40
C LEU B 35 -0.68 -15.47 12.42
N LEU B 36 -0.03 -14.40 12.87
CA LEU B 36 0.13 -13.21 12.04
C LEU B 36 1.11 -13.42 10.89
N VAL B 37 2.20 -14.11 11.18
CA VAL B 37 3.22 -14.37 10.18
C VAL B 37 2.75 -15.27 9.05
N THR B 38 1.78 -16.14 9.34
CA THR B 38 1.28 -17.04 8.31
C THR B 38 0.01 -16.52 7.62
N HIS B 39 -0.69 -15.58 8.26
CA HIS B 39 -1.91 -15.05 7.66
C HIS B 39 -1.73 -13.72 6.94
N ILE B 40 -0.62 -13.04 7.16
CA ILE B 40 -0.39 -11.77 6.49
C ILE B 40 0.38 -12.08 5.21
N ARG B 41 -0.33 -11.93 4.09
CA ARG B 41 0.21 -12.21 2.77
C ARG B 41 0.50 -10.95 1.94
N ASN B 42 0.89 -9.87 2.59
CA ASN B 42 1.24 -8.62 1.91
C ASN B 42 1.88 -7.66 2.89
N THR B 43 3.14 -7.33 2.64
CA THR B 43 3.85 -6.44 3.54
C THR B 43 3.94 -4.98 3.10
N GLN B 44 3.93 -4.72 1.79
CA GLN B 44 4.07 -3.34 1.34
C GLN B 44 2.99 -2.35 1.78
N CYS B 45 1.71 -2.72 1.74
CA CYS B 45 0.68 -1.76 2.16
C CYS B 45 0.92 -1.40 3.61
N LEU B 46 1.35 -2.39 4.40
CA LEU B 46 1.62 -2.18 5.81
C LEU B 46 2.74 -1.17 6.02
N VAL B 47 3.88 -1.41 5.37
CA VAL B 47 5.03 -0.50 5.51
C VAL B 47 4.68 0.89 4.99
N ASP B 48 4.00 0.97 3.86
CA ASP B 48 3.64 2.28 3.30
C ASP B 48 2.76 3.04 4.29
N ASN B 49 1.84 2.34 4.94
CA ASN B 49 0.96 3.00 5.89
C ASN B 49 1.70 3.45 7.14
N LEU B 50 2.62 2.63 7.61
CA LEU B 50 3.41 2.98 8.78
C LEU B 50 4.27 4.20 8.49
N LEU B 51 4.74 4.33 7.25
CA LEU B 51 5.56 5.47 6.84
C LEU B 51 4.72 6.73 6.74
N LYS B 52 3.61 6.63 6.03
CA LYS B 52 2.71 7.77 5.82
C LYS B 52 2.16 8.31 7.13
N ASN B 53 2.11 7.46 8.15
CA ASN B 53 1.59 7.88 9.44
C ASN B 53 2.71 8.22 10.39
N ASP B 54 3.92 8.29 9.86
CA ASP B 54 5.12 8.62 10.61
C ASP B 54 5.38 7.73 11.82
N TYR B 55 5.20 6.42 11.65
CA TYR B 55 5.47 5.49 12.75
C TYR B 55 6.68 4.66 12.38
N PHE B 56 7.01 4.67 11.10
CA PHE B 56 8.18 3.98 10.58
C PHE B 56 9.00 5.02 9.87
N SER B 57 10.32 4.88 10.00
CA SER B 57 11.24 5.80 9.35
C SER B 57 11.73 5.11 8.08
N ALA B 58 12.47 5.86 7.27
CA ALA B 58 13.02 5.31 6.04
C ALA B 58 13.92 4.12 6.39
N GLU B 59 14.71 4.26 7.46
CA GLU B 59 15.58 3.16 7.84
C GLU B 59 14.79 1.90 8.22
N ASP B 60 13.70 2.05 8.95
CA ASP B 60 12.87 0.91 9.33
C ASP B 60 12.43 0.15 8.07
N ALA B 61 11.87 0.90 7.12
CA ALA B 61 11.41 0.29 5.89
C ALA B 61 12.56 -0.46 5.19
N GLU B 62 13.73 0.16 5.11
CA GLU B 62 14.88 -0.48 4.47
C GLU B 62 15.25 -1.76 5.23
N ILE B 63 15.16 -1.74 6.55
CA ILE B 63 15.46 -2.94 7.30
C ILE B 63 14.50 -4.05 6.89
N VAL B 64 13.23 -3.72 6.67
CA VAL B 64 12.26 -4.73 6.26
C VAL B 64 12.58 -5.24 4.85
N CYS B 65 12.91 -4.32 3.94
CA CYS B 65 13.25 -4.70 2.58
C CYS B 65 14.40 -5.69 2.53
N ALA B 66 15.35 -5.53 3.45
CA ALA B 66 16.52 -6.40 3.51
C ALA B 66 16.23 -7.85 3.90
N CYS B 67 15.02 -8.15 4.35
CA CYS B 67 14.69 -9.52 4.72
C CYS B 67 14.58 -10.39 3.47
N PRO B 68 15.09 -11.63 3.54
CA PRO B 68 15.10 -12.63 2.46
C PRO B 68 13.75 -13.19 1.98
N THR B 69 12.80 -13.34 2.90
CA THR B 69 11.49 -13.88 2.55
C THR B 69 10.35 -12.96 3.05
N GLN B 70 9.14 -13.21 2.58
CA GLN B 70 8.00 -12.41 3.02
C GLN B 70 7.72 -12.70 4.48
N PRO B 71 7.67 -13.99 4.88
CA PRO B 71 7.44 -14.33 6.29
C PRO B 71 8.48 -13.63 7.17
N ASP B 72 9.71 -13.50 6.69
CA ASP B 72 10.73 -12.83 7.50
C ASP B 72 10.44 -11.34 7.60
N LYS B 73 9.88 -10.77 6.53
CA LYS B 73 9.54 -9.36 6.54
C LYS B 73 8.42 -9.12 7.55
N VAL B 74 7.44 -10.02 7.61
CA VAL B 74 6.37 -9.88 8.58
C VAL B 74 6.92 -9.98 9.99
N ARG B 75 7.84 -10.90 10.23
CA ARG B 75 8.44 -11.04 11.56
C ARG B 75 9.18 -9.75 11.92
N LYS B 76 9.90 -9.19 10.94
CA LYS B 76 10.66 -7.96 11.13
C LYS B 76 9.73 -6.80 11.44
N ILE B 77 8.65 -6.67 10.66
CA ILE B 77 7.69 -5.61 10.89
C ILE B 77 7.09 -5.72 12.29
N LEU B 78 6.77 -6.94 12.70
CA LEU B 78 6.19 -7.15 14.04
C LEU B 78 7.20 -6.80 15.13
N ASP B 79 8.46 -7.13 14.93
CA ASP B 79 9.50 -6.81 15.90
C ASP B 79 9.58 -5.30 16.05
N LEU B 80 9.69 -4.63 14.91
CA LEU B 80 9.79 -3.18 14.92
C LEU B 80 8.59 -2.53 15.58
N VAL B 81 7.39 -2.93 15.17
CA VAL B 81 6.16 -2.39 15.72
C VAL B 81 6.09 -2.59 17.23
N GLN B 82 6.38 -3.81 17.69
CA GLN B 82 6.34 -4.09 19.12
C GLN B 82 7.33 -3.23 19.90
N SER B 83 8.53 -3.03 19.35
CA SER B 83 9.52 -2.24 20.03
C SER B 83 9.21 -0.75 19.99
N LYS B 84 8.54 -0.28 18.94
CA LYS B 84 8.18 1.13 18.85
C LYS B 84 7.24 1.47 19.99
N GLY B 85 6.42 0.51 20.42
CA GLY B 85 5.53 0.76 21.52
C GLY B 85 4.04 0.50 21.37
N GLU B 86 3.33 0.87 22.41
CA GLU B 86 1.89 0.68 22.51
C GLU B 86 1.07 1.50 21.50
N GLU B 87 1.48 2.75 21.25
CA GLU B 87 0.76 3.59 20.30
C GLU B 87 0.87 3.01 18.88
N VAL B 88 2.08 2.61 18.50
CA VAL B 88 2.28 2.07 17.18
C VAL B 88 1.65 0.68 17.04
N SER B 89 1.68 -0.13 18.10
CA SER B 89 1.08 -1.46 18.05
C SER B 89 -0.42 -1.33 17.97
N GLU B 90 -0.99 -0.32 18.62
CA GLU B 90 -2.43 -0.13 18.56
C GLU B 90 -2.79 0.31 17.15
N PHE B 91 -1.98 1.22 16.59
CA PHE B 91 -2.20 1.72 15.24
C PHE B 91 -2.19 0.55 14.25
N PHE B 92 -1.17 -0.29 14.39
CA PHE B 92 -0.96 -1.46 13.53
C PHE B 92 -2.16 -2.42 13.55
N LEU B 93 -2.70 -2.68 14.73
CA LEU B 93 -3.87 -3.56 14.86
C LEU B 93 -5.09 -2.98 14.16
N TYR B 94 -5.32 -1.67 14.30
CA TYR B 94 -6.45 -1.07 13.60
C TYR B 94 -6.15 -1.01 12.10
N LEU B 95 -4.86 -1.02 11.74
CA LEU B 95 -4.49 -1.03 10.32
C LEU B 95 -4.86 -2.40 9.72
N LEU B 96 -4.56 -3.47 10.45
CA LEU B 96 -4.90 -4.81 9.98
C LEU B 96 -6.42 -4.96 9.91
N GLN B 97 -7.11 -4.41 10.89
CA GLN B 97 -8.56 -4.48 10.91
C GLN B 97 -9.10 -3.79 9.65
N GLN B 98 -8.63 -2.57 9.39
CA GLN B 98 -9.11 -1.81 8.24
C GLN B 98 -8.75 -2.48 6.92
N LEU B 99 -7.54 -3.02 6.83
CA LEU B 99 -7.13 -3.72 5.61
C LEU B 99 -7.95 -5.00 5.41
N ALA B 100 -8.26 -5.69 6.50
CA ALA B 100 -9.04 -6.90 6.42
C ALA B 100 -10.47 -6.61 5.97
N ASP B 101 -10.95 -5.39 6.23
CA ASP B 101 -12.30 -4.95 5.84
C ASP B 101 -12.28 -4.28 4.47
N ALA B 102 -11.09 -3.95 3.99
CA ALA B 102 -10.93 -3.25 2.73
C ALA B 102 -11.38 -3.99 1.47
N TYR B 103 -11.03 -5.27 1.37
CA TYR B 103 -11.37 -6.05 0.19
C TYR B 103 -12.19 -7.32 0.45
N VAL B 104 -12.57 -7.55 1.70
CA VAL B 104 -13.34 -8.75 2.07
C VAL B 104 -14.64 -8.92 1.28
N ASP B 105 -15.32 -7.82 1.03
CA ASP B 105 -16.59 -7.84 0.30
C ASP B 105 -16.49 -8.27 -1.16
N LEU B 106 -15.27 -8.36 -1.70
CA LEU B 106 -15.07 -8.77 -3.09
C LEU B 106 -14.94 -10.28 -3.20
N ARG B 107 -14.68 -10.93 -2.07
CA ARG B 107 -14.51 -12.37 -2.03
C ARG B 107 -15.65 -13.12 -2.73
N PRO B 108 -16.90 -12.88 -2.29
CA PRO B 108 -18.02 -13.58 -2.92
C PRO B 108 -17.94 -13.46 -4.44
N TRP B 109 -17.85 -12.21 -4.92
CA TRP B 109 -17.77 -11.95 -6.34
C TRP B 109 -16.58 -12.64 -7.03
N LEU B 110 -15.37 -12.45 -6.51
CA LEU B 110 -14.18 -13.08 -7.10
C LEU B 110 -14.31 -14.59 -7.20
N LEU B 111 -14.93 -15.21 -6.20
CA LEU B 111 -15.13 -16.65 -6.22
C LEU B 111 -16.17 -16.96 -7.30
N GLU B 112 -17.26 -16.19 -7.33
CA GLU B 112 -18.30 -16.40 -8.34
C GLU B 112 -17.81 -16.34 -9.76
N ILE B 113 -17.04 -15.31 -10.11
CA ILE B 113 -16.56 -15.19 -11.48
C ILE B 113 -15.48 -16.18 -11.82
N GLY B 114 -15.21 -17.10 -10.89
CA GLY B 114 -14.22 -18.11 -11.14
C GLY B 114 -12.77 -17.69 -11.01
N PHE B 115 -12.35 -17.37 -9.79
CA PHE B 115 -10.96 -16.98 -9.54
C PHE B 115 -10.26 -17.97 -8.61
N SER B 116 -9.34 -18.74 -9.20
CA SER B 116 -8.54 -19.75 -8.52
C SER B 116 -8.95 -20.04 -7.07
N SER C 22 -25.67 -0.07 2.43
CA SER C 22 -25.59 -0.04 3.92
C SER C 22 -24.18 0.36 4.40
N HIS C 23 -24.11 1.47 5.13
CA HIS C 23 -22.84 1.97 5.64
C HIS C 23 -22.90 2.14 7.15
N PRO C 24 -22.64 1.06 7.90
CA PRO C 24 -22.65 1.02 9.36
C PRO C 24 -21.84 2.12 10.01
N HIS C 25 -20.60 2.31 9.55
CA HIS C 25 -19.71 3.32 10.12
C HIS C 25 -20.18 4.76 9.88
N ILE C 26 -20.70 5.02 8.69
CA ILE C 26 -21.21 6.36 8.42
C ILE C 26 -22.42 6.60 9.34
N GLN C 27 -23.28 5.60 9.44
CA GLN C 27 -24.46 5.69 10.27
C GLN C 27 -24.09 5.95 11.73
N LEU C 28 -23.10 5.23 12.21
CA LEU C 28 -22.65 5.37 13.58
C LEU C 28 -22.24 6.82 13.88
N LEU C 29 -21.59 7.48 12.92
CA LEU C 29 -21.18 8.88 13.13
C LEU C 29 -22.39 9.81 13.10
N LYS C 30 -23.25 9.62 12.12
CA LYS C 30 -24.44 10.42 11.95
C LYS C 30 -25.35 10.39 13.19
N SER C 31 -25.47 9.21 13.82
CA SER C 31 -26.31 9.04 15.00
C SER C 31 -25.79 9.71 16.25
N ASN C 32 -24.49 9.98 16.29
CA ASN C 32 -23.88 10.58 17.46
C ASN C 32 -23.29 11.96 17.22
N ARG C 33 -23.81 12.63 16.19
CA ARG C 33 -23.36 13.96 15.82
C ARG C 33 -23.23 14.92 17.00
N GLU C 34 -24.34 15.21 17.68
CA GLU C 34 -24.29 16.17 18.78
C GLU C 34 -23.36 15.78 19.92
N LEU C 35 -23.34 14.51 20.30
CA LEU C 35 -22.45 14.06 21.35
C LEU C 35 -20.98 14.31 20.93
N LEU C 36 -20.65 13.98 19.69
CA LEU C 36 -19.29 14.16 19.19
C LEU C 36 -18.88 15.62 19.12
N VAL C 37 -19.83 16.49 18.82
CA VAL C 37 -19.54 17.92 18.73
C VAL C 37 -19.04 18.51 20.05
N THR C 38 -19.49 17.96 21.17
CA THR C 38 -19.06 18.48 22.47
C THR C 38 -17.92 17.65 23.11
N HIS C 39 -17.93 16.34 22.88
CA HIS C 39 -16.91 15.46 23.45
C HIS C 39 -15.53 15.50 22.77
N ILE C 40 -15.47 16.09 21.56
CA ILE C 40 -14.20 16.22 20.83
C ILE C 40 -13.77 17.68 20.97
N ARG C 41 -12.72 17.94 21.72
CA ARG C 41 -12.30 19.33 21.93
C ARG C 41 -11.03 19.80 21.22
N ASN C 42 -10.45 18.98 20.37
CA ASN C 42 -9.25 19.34 19.62
C ASN C 42 -9.40 18.66 18.26
N THR C 43 -9.40 19.46 17.19
CA THR C 43 -9.56 18.93 15.84
C THR C 43 -8.25 18.94 15.05
N GLN C 44 -7.23 19.61 15.57
CA GLN C 44 -5.94 19.69 14.88
C GLN C 44 -5.35 18.33 14.56
N CYS C 45 -5.39 17.42 15.53
CA CYS C 45 -4.83 16.09 15.32
C CYS C 45 -5.69 15.27 14.35
N LEU C 46 -7.01 15.45 14.41
CA LEU C 46 -7.91 14.76 13.51
C LEU C 46 -7.67 15.18 12.06
N VAL C 47 -7.61 16.48 11.83
CA VAL C 47 -7.37 16.97 10.47
C VAL C 47 -6.02 16.50 9.96
N ASP C 48 -5.01 16.56 10.81
CA ASP C 48 -3.67 16.12 10.41
C ASP C 48 -3.64 14.66 9.99
N ASN C 49 -4.29 13.79 10.77
CA ASN C 49 -4.31 12.37 10.42
C ASN C 49 -5.10 12.13 9.13
N LEU C 50 -6.20 12.84 8.95
CA LEU C 50 -7.01 12.67 7.75
C LEU C 50 -6.20 13.10 6.52
N LEU C 51 -5.33 14.10 6.70
CA LEU C 51 -4.48 14.58 5.62
C LEU C 51 -3.37 13.57 5.29
N LYS C 52 -2.67 13.08 6.31
CA LYS C 52 -1.59 12.11 6.09
C LYS C 52 -2.07 10.81 5.45
N ASN C 53 -3.34 10.46 5.69
CA ASN C 53 -3.86 9.22 5.11
C ASN C 53 -4.61 9.44 3.81
N ASP C 54 -4.43 10.63 3.23
CA ASP C 54 -5.05 10.98 1.97
C ASP C 54 -6.58 10.88 1.94
N TYR C 55 -7.25 11.23 3.04
CA TYR C 55 -8.70 11.20 3.07
C TYR C 55 -9.20 12.64 2.98
N PHE C 56 -8.35 13.57 3.39
CA PHE C 56 -8.66 15.00 3.34
C PHE C 56 -7.61 15.65 2.45
N SER C 57 -8.03 16.64 1.68
CA SER C 57 -7.10 17.41 0.83
C SER C 57 -6.83 18.71 1.58
N ALA C 58 -5.83 19.47 1.15
CA ALA C 58 -5.48 20.74 1.79
C ALA C 58 -6.71 21.66 1.80
N GLU C 59 -7.54 21.54 0.77
CA GLU C 59 -8.74 22.34 0.65
C GLU C 59 -9.76 21.95 1.73
N ASP C 60 -9.86 20.66 2.07
CA ASP C 60 -10.80 20.22 3.11
C ASP C 60 -10.30 20.77 4.44
N ALA C 61 -8.99 20.79 4.61
CA ALA C 61 -8.40 21.29 5.84
C ALA C 61 -8.70 22.79 5.96
N GLU C 62 -8.60 23.51 4.84
CA GLU C 62 -8.86 24.94 4.81
C GLU C 62 -10.31 25.22 5.23
N ILE C 63 -11.24 24.46 4.64
CA ILE C 63 -12.66 24.59 4.96
C ILE C 63 -12.89 24.52 6.48
N VAL C 64 -12.28 23.52 7.09
CA VAL C 64 -12.43 23.30 8.52
C VAL C 64 -11.80 24.43 9.32
N CYS C 65 -10.61 24.84 8.89
CA CYS C 65 -9.91 25.91 9.57
C CYS C 65 -10.74 27.21 9.62
N ALA C 66 -11.53 27.44 8.58
CA ALA C 66 -12.37 28.63 8.50
C ALA C 66 -13.54 28.62 9.48
N CYS C 67 -13.71 27.51 10.22
CA CYS C 67 -14.79 27.43 11.19
C CYS C 67 -14.31 28.10 12.46
N PRO C 68 -15.10 29.06 12.96
CA PRO C 68 -14.81 29.83 14.18
C PRO C 68 -14.42 29.01 15.41
N THR C 69 -15.40 28.32 15.98
CA THR C 69 -15.18 27.54 17.18
C THR C 69 -14.89 26.06 16.92
N GLN C 70 -14.51 25.34 17.97
CA GLN C 70 -14.26 23.93 17.83
C GLN C 70 -15.56 23.19 17.57
N PRO C 71 -16.71 23.67 18.10
CA PRO C 71 -17.90 22.87 17.80
C PRO C 71 -18.23 22.92 16.32
N ASP C 72 -17.95 24.07 15.73
CA ASP C 72 -18.17 24.31 14.30
C ASP C 72 -17.23 23.45 13.48
N LYS C 73 -15.98 23.38 13.92
CA LYS C 73 -14.97 22.59 13.24
C LYS C 73 -15.32 21.11 13.30
N VAL C 74 -15.84 20.67 14.44
CA VAL C 74 -16.18 19.27 14.60
C VAL C 74 -17.36 18.90 13.70
N ARG C 75 -18.33 19.81 13.59
CA ARG C 75 -19.49 19.57 12.74
C ARG C 75 -19.06 19.43 11.30
N LYS C 76 -18.15 20.30 10.92
CA LYS C 76 -17.62 20.33 9.56
C LYS C 76 -16.81 19.07 9.27
N ILE C 77 -15.95 18.69 10.19
CA ILE C 77 -15.15 17.48 10.01
C ILE C 77 -16.05 16.26 9.86
N LEU C 78 -17.10 16.18 10.67
CA LEU C 78 -18.03 15.06 10.60
C LEU C 78 -18.79 15.05 9.27
N ASP C 79 -19.19 16.22 8.78
CA ASP C 79 -19.89 16.33 7.49
C ASP C 79 -18.97 15.84 6.37
N LEU C 80 -17.72 16.30 6.40
CA LEU C 80 -16.76 15.89 5.38
C LEU C 80 -16.50 14.38 5.45
N VAL C 81 -16.21 13.88 6.64
CA VAL C 81 -15.93 12.45 6.81
C VAL C 81 -17.10 11.59 6.34
N GLN C 82 -18.31 11.94 6.75
CA GLN C 82 -19.49 11.18 6.34
C GLN C 82 -19.67 11.17 4.83
N SER C 83 -19.42 12.31 4.19
CA SER C 83 -19.59 12.39 2.75
C SER C 83 -18.46 11.67 2.00
N LYS C 84 -17.28 11.54 2.62
CA LYS C 84 -16.14 10.87 1.98
C LYS C 84 -16.36 9.36 1.90
N GLY C 85 -17.28 8.84 2.68
CA GLY C 85 -17.56 7.42 2.59
C GLY C 85 -17.31 6.52 3.79
N GLU C 86 -17.67 5.25 3.61
CA GLU C 86 -17.54 4.24 4.64
C GLU C 86 -16.09 4.03 5.06
N GLU C 87 -15.17 4.02 4.11
CA GLU C 87 -13.74 3.84 4.43
C GLU C 87 -13.22 4.93 5.37
N VAL C 88 -13.53 6.19 5.06
CA VAL C 88 -13.06 7.29 5.87
C VAL C 88 -13.74 7.30 7.25
N SER C 89 -15.03 6.99 7.29
CA SER C 89 -15.74 6.97 8.56
C SER C 89 -15.21 5.86 9.47
N GLU C 90 -14.90 4.72 8.88
CA GLU C 90 -14.34 3.63 9.68
C GLU C 90 -12.98 4.06 10.20
N PHE C 91 -12.19 4.69 9.34
CA PHE C 91 -10.86 5.17 9.73
C PHE C 91 -10.99 6.22 10.85
N PHE C 92 -11.97 7.11 10.72
CA PHE C 92 -12.18 8.16 11.70
C PHE C 92 -12.55 7.58 13.08
N LEU C 93 -13.47 6.61 13.09
CA LEU C 93 -13.88 5.97 14.33
C LEU C 93 -12.70 5.29 15.05
N TYR C 94 -11.82 4.62 14.31
CA TYR C 94 -10.67 3.95 14.92
C TYR C 94 -9.64 4.96 15.41
N LEU C 95 -9.66 6.12 14.80
CA LEU C 95 -8.77 7.22 15.16
C LEU C 95 -9.27 7.82 16.49
N LEU C 96 -10.59 7.93 16.65
CA LEU C 96 -11.15 8.44 17.90
C LEU C 96 -10.84 7.45 19.02
N GLN C 97 -10.89 6.17 18.71
CA GLN C 97 -10.61 5.15 19.71
C GLN C 97 -9.14 5.27 20.14
N GLN C 98 -8.24 5.41 19.17
CA GLN C 98 -6.82 5.54 19.45
C GLN C 98 -6.54 6.81 20.25
N LEU C 99 -7.17 7.91 19.87
CA LEU C 99 -6.95 9.19 20.56
C LEU C 99 -7.53 9.18 21.98
N ALA C 100 -8.68 8.52 22.14
CA ALA C 100 -9.32 8.44 23.45
C ALA C 100 -8.47 7.61 24.41
N ASP C 101 -7.67 6.68 23.87
CA ASP C 101 -6.79 5.83 24.69
C ASP C 101 -5.43 6.49 24.88
N ALA C 102 -5.13 7.48 24.04
CA ALA C 102 -3.84 8.15 24.04
C ALA C 102 -3.40 8.87 25.32
N TYR C 103 -4.28 9.65 25.92
CA TYR C 103 -3.89 10.39 27.12
C TYR C 103 -4.68 10.08 28.37
N VAL C 104 -5.30 8.89 28.43
CA VAL C 104 -6.09 8.52 29.59
C VAL C 104 -5.32 8.69 30.90
N ASP C 105 -4.01 8.53 30.83
CA ASP C 105 -3.15 8.65 32.01
C ASP C 105 -2.33 9.95 31.99
N LEU C 106 -3.01 11.09 32.06
CA LEU C 106 -2.30 12.37 32.06
C LEU C 106 -2.87 13.36 33.05
N ARG C 107 -4.20 13.38 33.17
CA ARG C 107 -4.85 14.29 34.11
C ARG C 107 -4.24 14.09 35.51
N PRO C 108 -4.01 12.83 35.90
CA PRO C 108 -3.44 12.50 37.21
C PRO C 108 -2.11 13.20 37.50
N TRP C 109 -1.24 13.27 36.49
CA TRP C 109 0.07 13.91 36.66
C TRP C 109 0.04 15.42 36.46
N LEU C 110 -0.90 15.90 35.67
CA LEU C 110 -1.05 17.33 35.45
C LEU C 110 -1.74 17.83 36.71
N LEU C 111 -2.16 16.87 37.53
CA LEU C 111 -2.85 17.11 38.79
C LEU C 111 -1.85 17.05 39.96
N GLU C 112 -0.59 17.32 39.66
CA GLU C 112 0.46 17.29 40.67
C GLU C 112 1.53 18.33 40.38
N SER D 22 16.59 32.40 34.25
CA SER D 22 15.63 31.49 34.94
C SER D 22 14.52 31.03 33.99
N HIS D 23 14.43 29.71 33.79
CA HIS D 23 13.43 29.14 32.91
C HIS D 23 12.59 28.09 33.65
N PRO D 24 11.54 28.54 34.34
CA PRO D 24 10.63 27.69 35.12
C PRO D 24 10.08 26.50 34.35
N HIS D 25 9.58 26.75 33.14
CA HIS D 25 9.00 25.69 32.32
C HIS D 25 10.01 24.66 31.86
N ILE D 26 11.21 25.09 31.49
CA ILE D 26 12.23 24.13 31.09
C ILE D 26 12.60 23.29 32.30
N GLN D 27 12.75 23.94 33.45
CA GLN D 27 13.08 23.24 34.68
C GLN D 27 12.02 22.21 35.04
N LEU D 28 10.76 22.60 34.91
CA LEU D 28 9.66 21.71 35.22
C LEU D 28 9.73 20.42 34.40
N LEU D 29 10.13 20.52 33.13
CA LEU D 29 10.25 19.34 32.29
C LEU D 29 11.45 18.48 32.69
N LYS D 30 12.62 19.11 32.91
CA LYS D 30 13.79 18.33 33.32
C LYS D 30 13.55 17.64 34.65
N SER D 31 12.76 18.27 35.51
CA SER D 31 12.49 17.66 36.81
C SER D 31 11.56 16.46 36.73
N ASN D 32 10.78 16.38 35.66
CA ASN D 32 9.81 15.30 35.52
C ASN D 32 10.08 14.39 34.33
N ARG D 33 11.33 14.37 33.89
CA ARG D 33 11.71 13.56 32.75
C ARG D 33 11.22 12.11 32.79
N GLU D 34 11.61 11.35 33.82
CA GLU D 34 11.20 9.95 33.90
C GLU D 34 9.69 9.78 33.98
N LEU D 35 9.05 10.69 34.71
CA LEU D 35 7.61 10.66 34.87
C LEU D 35 6.94 10.84 33.52
N LEU D 36 7.41 11.83 32.76
CA LEU D 36 6.86 12.10 31.44
C LEU D 36 7.17 10.96 30.49
N VAL D 37 8.38 10.43 30.58
CA VAL D 37 8.78 9.32 29.72
C VAL D 37 7.86 8.11 29.86
N THR D 38 7.44 7.80 31.09
CA THR D 38 6.58 6.66 31.32
C THR D 38 5.07 6.95 31.27
N HIS D 39 4.68 8.22 31.28
CA HIS D 39 3.24 8.51 31.24
C HIS D 39 2.72 9.15 29.94
N ILE D 40 3.59 9.44 28.99
CA ILE D 40 3.16 9.98 27.71
C ILE D 40 3.27 8.79 26.77
N ARG D 41 2.15 8.14 26.46
CA ARG D 41 2.26 7.00 25.56
C ARG D 41 2.07 7.34 24.10
N ASN D 42 1.36 8.42 23.82
CA ASN D 42 1.15 8.84 22.43
C ASN D 42 1.88 10.11 22.14
N THR D 43 2.61 10.13 21.03
CA THR D 43 3.38 11.31 20.69
C THR D 43 3.00 11.89 19.34
N GLN D 44 2.15 11.17 18.63
CA GLN D 44 1.66 11.57 17.31
C GLN D 44 1.10 12.99 17.31
N CYS D 45 0.09 13.23 18.15
CA CYS D 45 -0.53 14.54 18.23
C CYS D 45 0.41 15.59 18.75
N LEU D 46 1.30 15.22 19.67
CA LEU D 46 2.24 16.20 20.20
C LEU D 46 3.14 16.72 19.11
N VAL D 47 3.75 15.80 18.34
CA VAL D 47 4.64 16.21 17.26
C VAL D 47 3.89 17.02 16.23
N ASP D 48 2.68 16.60 15.88
CA ASP D 48 1.88 17.30 14.89
C ASP D 48 1.59 18.75 15.32
N ASN D 49 1.20 18.94 16.57
CA ASN D 49 0.92 20.30 17.04
C ASN D 49 2.18 21.14 17.08
N LEU D 50 3.30 20.56 17.50
CA LEU D 50 4.55 21.30 17.55
C LEU D 50 4.96 21.74 16.14
N LEU D 51 4.65 20.90 15.14
CA LEU D 51 4.95 21.22 13.75
C LEU D 51 4.04 22.35 13.23
N LYS D 52 2.73 22.21 13.45
CA LYS D 52 1.83 23.24 12.96
C LYS D 52 2.11 24.61 13.57
N ASN D 53 2.60 24.65 14.80
CA ASN D 53 2.86 25.94 15.45
C ASN D 53 4.29 26.42 15.24
N ASP D 54 4.98 25.80 14.28
CA ASP D 54 6.34 26.17 13.94
C ASP D 54 7.35 26.12 15.09
N TYR D 55 7.21 25.15 15.99
CA TYR D 55 8.15 25.01 17.09
C TYR D 55 9.08 23.82 16.77
N PHE D 56 8.59 22.92 15.93
CA PHE D 56 9.35 21.77 15.49
C PHE D 56 9.46 21.87 13.98
N SER D 57 10.61 21.50 13.42
CA SER D 57 10.79 21.51 11.97
C SER D 57 10.43 20.10 11.50
N ALA D 58 10.34 19.91 10.19
CA ALA D 58 10.04 18.60 9.64
C ALA D 58 11.15 17.67 10.11
N GLU D 59 12.38 18.19 10.12
CA GLU D 59 13.54 17.40 10.54
C GLU D 59 13.42 16.94 11.99
N ASP D 60 12.85 17.78 12.84
CA ASP D 60 12.68 17.43 14.24
C ASP D 60 11.71 16.26 14.35
N ALA D 61 10.59 16.36 13.64
CA ALA D 61 9.59 15.31 13.66
C ALA D 61 10.19 13.99 13.14
N GLU D 62 10.98 14.04 12.07
CA GLU D 62 11.58 12.82 11.52
C GLU D 62 12.56 12.14 12.49
N ILE D 63 13.34 12.94 13.20
CA ILE D 63 14.28 12.39 14.16
C ILE D 63 13.51 11.63 15.24
N VAL D 64 12.36 12.17 15.63
CA VAL D 64 11.54 11.49 16.64
C VAL D 64 10.95 10.19 16.07
N CYS D 65 10.49 10.22 14.82
CA CYS D 65 9.93 9.04 14.20
C CYS D 65 10.98 7.93 14.09
N ALA D 66 12.24 8.33 13.93
CA ALA D 66 13.34 7.37 13.78
C ALA D 66 13.73 6.62 15.04
N CYS D 67 13.42 7.16 16.21
CA CYS D 67 13.74 6.51 17.49
C CYS D 67 13.11 5.10 17.56
N PRO D 68 13.85 4.13 18.12
CA PRO D 68 13.47 2.72 18.29
C PRO D 68 12.36 2.37 19.27
N THR D 69 12.27 3.11 20.36
CA THR D 69 11.27 2.81 21.37
C THR D 69 10.48 4.04 21.78
N GLN D 70 9.30 3.83 22.32
CA GLN D 70 8.43 4.93 22.74
C GLN D 70 9.16 5.81 23.75
N PRO D 71 9.86 5.17 24.67
CA PRO D 71 10.61 5.91 25.69
C PRO D 71 11.72 6.77 25.07
N ASP D 72 12.39 6.22 24.04
CA ASP D 72 13.46 6.96 23.35
C ASP D 72 12.84 8.14 22.61
N LYS D 73 11.60 7.96 22.15
CA LYS D 73 10.90 9.01 21.43
C LYS D 73 10.59 10.17 22.34
N VAL D 74 10.14 9.85 23.55
CA VAL D 74 9.78 10.84 24.56
C VAL D 74 11.01 11.60 25.02
N ARG D 75 12.13 10.92 25.21
CA ARG D 75 13.32 11.63 25.65
C ARG D 75 13.77 12.58 24.56
N LYS D 76 13.69 12.13 23.31
CA LYS D 76 14.08 12.96 22.17
C LYS D 76 13.19 14.20 22.10
N ILE D 77 11.89 14.01 22.24
CA ILE D 77 10.96 15.13 22.20
C ILE D 77 11.27 16.12 23.32
N LEU D 78 11.57 15.60 24.50
CA LEU D 78 11.88 16.46 25.64
C LEU D 78 13.18 17.24 25.41
N ASP D 79 14.19 16.56 24.86
CA ASP D 79 15.46 17.22 24.57
C ASP D 79 15.21 18.35 23.56
N LEU D 80 14.47 18.06 22.48
CA LEU D 80 14.18 19.08 21.47
C LEU D 80 13.41 20.25 22.07
N VAL D 81 12.34 19.95 22.78
CA VAL D 81 11.53 20.98 23.40
C VAL D 81 12.36 21.88 24.33
N GLN D 82 13.14 21.25 25.20
CA GLN D 82 13.97 22.00 26.14
C GLN D 82 14.96 22.92 25.42
N SER D 83 15.55 22.42 24.33
CA SER D 83 16.50 23.22 23.60
C SER D 83 15.83 24.35 22.80
N LYS D 84 14.56 24.20 22.49
CA LYS D 84 13.85 25.23 21.74
C LYS D 84 13.62 26.49 22.60
N GLY D 85 13.82 26.37 23.91
CA GLY D 85 13.63 27.52 24.78
C GLY D 85 12.44 27.48 25.75
N GLU D 86 12.35 28.52 26.58
CA GLU D 86 11.31 28.66 27.59
C GLU D 86 9.89 28.71 27.03
N GLU D 87 9.71 29.50 25.97
CA GLU D 87 8.39 29.66 25.35
C GLU D 87 7.87 28.35 24.76
N VAL D 88 8.72 27.64 24.04
CA VAL D 88 8.34 26.36 23.46
C VAL D 88 8.03 25.39 24.60
N SER D 89 8.79 25.48 25.69
CA SER D 89 8.58 24.58 26.82
C SER D 89 7.25 24.86 27.51
N GLU D 90 6.84 26.13 27.53
CA GLU D 90 5.58 26.50 28.15
C GLU D 90 4.46 25.99 27.26
N PHE D 91 4.57 26.24 25.97
CA PHE D 91 3.56 25.78 25.02
C PHE D 91 3.38 24.27 25.19
N PHE D 92 4.50 23.55 25.27
CA PHE D 92 4.46 22.11 25.43
C PHE D 92 3.57 21.68 26.59
N LEU D 93 3.77 22.30 27.74
CA LEU D 93 2.97 21.96 28.91
C LEU D 93 1.50 22.28 28.66
N TYR D 94 1.24 23.45 28.09
CA TYR D 94 -0.13 23.85 27.77
C TYR D 94 -0.75 22.82 26.82
N LEU D 95 0.07 22.36 25.87
CA LEU D 95 -0.35 21.36 24.89
C LEU D 95 -0.72 20.03 25.57
N LEU D 96 0.14 19.54 26.45
CA LEU D 96 -0.11 18.30 27.17
C LEU D 96 -1.43 18.37 27.92
N GLN D 97 -1.69 19.48 28.58
CA GLN D 97 -2.92 19.63 29.33
C GLN D 97 -4.11 19.71 28.37
N GLN D 98 -3.91 20.37 27.24
CA GLN D 98 -4.96 20.51 26.25
C GLN D 98 -5.36 19.12 25.76
N LEU D 99 -4.35 18.29 25.49
CA LEU D 99 -4.59 16.94 25.01
C LEU D 99 -5.17 16.01 26.06
N ALA D 100 -4.88 16.29 27.33
CA ALA D 100 -5.40 15.46 28.42
C ALA D 100 -6.92 15.53 28.52
N ASP D 101 -7.52 16.57 27.96
CA ASP D 101 -8.96 16.72 28.02
C ASP D 101 -9.65 16.70 26.65
N ALA D 102 -8.86 16.57 25.60
CA ALA D 102 -9.40 16.59 24.26
C ALA D 102 -10.25 15.40 23.80
N TYR D 103 -9.88 14.19 24.18
CA TYR D 103 -10.61 13.02 23.72
C TYR D 103 -11.07 12.01 24.77
N VAL D 104 -10.61 12.18 26.00
CA VAL D 104 -10.95 11.27 27.09
C VAL D 104 -12.47 11.09 27.31
N ASP D 105 -13.25 12.12 27.04
CA ASP D 105 -14.71 12.04 27.23
C ASP D 105 -15.39 11.07 26.26
N LEU D 106 -14.63 10.55 25.30
CA LEU D 106 -15.19 9.60 24.33
C LEU D 106 -15.09 8.15 24.81
N ARG D 107 -14.24 7.87 25.79
CA ARG D 107 -14.08 6.51 26.28
C ARG D 107 -15.37 5.80 26.69
N PRO D 108 -16.22 6.48 27.50
CA PRO D 108 -17.47 5.82 27.91
C PRO D 108 -18.33 5.53 26.69
N TRP D 109 -18.43 6.51 25.81
CA TRP D 109 -19.22 6.37 24.59
C TRP D 109 -18.71 5.23 23.71
N LEU D 110 -17.40 5.15 23.53
CA LEU D 110 -16.82 4.09 22.70
C LEU D 110 -17.09 2.72 23.30
N LEU D 111 -17.13 2.66 24.63
CA LEU D 111 -17.39 1.41 25.34
C LEU D 111 -18.85 1.00 25.14
N GLU D 112 -19.75 1.96 25.35
CA GLU D 112 -21.19 1.73 25.23
C GLU D 112 -21.64 1.35 23.82
N ILE D 113 -21.26 2.12 22.81
CA ILE D 113 -21.67 1.80 21.45
C ILE D 113 -21.13 0.43 21.05
N GLY D 114 -20.27 -0.12 21.89
CA GLY D 114 -19.70 -1.43 21.61
C GLY D 114 -18.44 -1.39 20.76
N PHE D 115 -17.62 -0.35 20.96
CA PHE D 115 -16.37 -0.19 20.21
C PHE D 115 -15.16 -0.61 21.06
N SER D 116 -14.81 -1.89 21.02
CA SER D 116 -13.68 -2.42 21.79
C SER D 116 -12.37 -1.76 21.37
N GLU E 21 -0.95 -24.33 7.89
CA GLU E 21 0.35 -24.26 7.16
C GLU E 21 0.24 -24.81 5.74
N SER E 22 -0.90 -24.54 5.11
CA SER E 22 -1.14 -25.00 3.74
C SER E 22 -0.59 -23.98 2.74
N HIS E 23 0.34 -24.44 1.90
CA HIS E 23 0.97 -23.57 0.90
C HIS E 23 0.73 -24.09 -0.52
N PRO E 24 -0.54 -24.06 -0.97
CA PRO E 24 -0.97 -24.51 -2.29
C PRO E 24 -0.09 -24.04 -3.44
N HIS E 25 0.03 -22.72 -3.56
CA HIS E 25 0.81 -22.09 -4.61
C HIS E 25 2.28 -22.54 -4.66
N ILE E 26 2.92 -22.64 -3.51
CA ILE E 26 4.32 -23.06 -3.48
C ILE E 26 4.46 -24.50 -3.96
N GLN E 27 3.59 -25.36 -3.44
CA GLN E 27 3.60 -26.78 -3.79
C GLN E 27 3.41 -26.93 -5.29
N LEU E 28 2.47 -26.15 -5.81
CA LEU E 28 2.12 -26.15 -7.22
C LEU E 28 3.35 -25.95 -8.10
N LEU E 29 4.33 -25.21 -7.59
CA LEU E 29 5.53 -24.92 -8.36
C LEU E 29 6.58 -26.04 -8.32
N LYS E 30 6.53 -26.86 -7.27
CA LYS E 30 7.48 -27.97 -7.15
C LYS E 30 6.95 -29.12 -8.00
N SER E 31 5.71 -29.51 -7.72
CA SER E 31 5.06 -30.60 -8.43
C SER E 31 4.98 -30.37 -9.94
N ASN E 32 5.70 -29.36 -10.44
CA ASN E 32 5.65 -29.07 -11.87
C ASN E 32 6.95 -28.44 -12.34
N ARG E 33 8.02 -28.67 -11.58
CA ARG E 33 9.32 -28.11 -11.90
C ARG E 33 9.77 -28.37 -13.33
N GLU E 34 9.94 -29.65 -13.68
CA GLU E 34 10.39 -30.01 -15.02
C GLU E 34 9.58 -29.35 -16.12
N LEU E 35 8.26 -29.29 -15.95
CA LEU E 35 7.45 -28.67 -16.98
C LEU E 35 7.79 -27.19 -17.14
N LEU E 36 7.90 -26.47 -16.02
CA LEU E 36 8.21 -25.05 -16.05
C LEU E 36 9.60 -24.76 -16.58
N VAL E 37 10.54 -25.65 -16.29
CA VAL E 37 11.92 -25.47 -16.74
C VAL E 37 12.04 -25.43 -18.27
N THR E 38 11.16 -26.15 -18.97
CA THR E 38 11.20 -26.18 -20.43
C THR E 38 10.21 -25.22 -21.08
N HIS E 39 9.04 -25.05 -20.46
CA HIS E 39 8.00 -24.16 -21.01
C HIS E 39 8.24 -22.65 -20.83
N ILE E 40 9.18 -22.28 -19.96
CA ILE E 40 9.53 -20.88 -19.74
C ILE E 40 10.86 -20.62 -20.45
N ARG E 41 10.83 -19.81 -21.51
CA ARG E 41 12.03 -19.54 -22.29
C ARG E 41 12.54 -18.10 -22.31
N ASN E 42 12.14 -17.31 -21.32
CA ASN E 42 12.57 -15.92 -21.17
C ASN E 42 12.37 -15.59 -19.71
N THR E 43 13.46 -15.35 -19.00
CA THR E 43 13.39 -15.05 -17.59
C THR E 43 13.62 -13.57 -17.31
N GLN E 44 14.04 -12.82 -18.32
CA GLN E 44 14.31 -11.39 -18.13
C GLN E 44 13.10 -10.64 -17.59
N CYS E 45 11.95 -10.88 -18.19
CA CYS E 45 10.72 -10.22 -17.78
C CYS E 45 10.30 -10.66 -16.37
N LEU E 46 10.47 -11.94 -16.06
CA LEU E 46 10.13 -12.47 -14.75
C LEU E 46 10.96 -11.82 -13.66
N VAL E 47 12.27 -11.78 -13.85
CA VAL E 47 13.16 -11.19 -12.86
C VAL E 47 12.83 -9.71 -12.68
N ASP E 48 12.60 -9.01 -13.78
CA ASP E 48 12.28 -7.59 -13.72
C ASP E 48 11.02 -7.32 -12.90
N ASN E 49 9.96 -8.10 -13.13
CA ASN E 49 8.74 -7.90 -12.38
C ASN E 49 8.93 -8.23 -10.90
N LEU E 50 9.68 -9.29 -10.61
CA LEU E 50 9.91 -9.66 -9.22
C LEU E 50 10.69 -8.56 -8.50
N LEU E 51 11.55 -7.86 -9.24
CA LEU E 51 12.33 -6.77 -8.68
C LEU E 51 11.44 -5.55 -8.44
N LYS E 52 10.65 -5.19 -9.45
CA LYS E 52 9.75 -4.04 -9.34
C LYS E 52 8.77 -4.16 -8.19
N ASN E 53 8.37 -5.38 -7.86
CA ASN E 53 7.39 -5.61 -6.79
C ASN E 53 8.03 -5.94 -5.45
N ASP E 54 9.33 -5.69 -5.36
CA ASP E 54 10.08 -5.92 -4.13
C ASP E 54 10.03 -7.34 -3.59
N TYR E 55 10.02 -8.34 -4.47
CA TYR E 55 10.02 -9.73 -4.04
C TYR E 55 11.42 -10.30 -4.23
N PHE E 56 12.16 -9.68 -5.14
CA PHE E 56 13.54 -10.06 -5.45
C PHE E 56 14.41 -8.85 -5.16
N SER E 57 15.61 -9.10 -4.62
CA SER E 57 16.58 -8.04 -4.35
C SER E 57 17.58 -8.09 -5.49
N ALA E 58 18.42 -7.05 -5.61
CA ALA E 58 19.43 -7.01 -6.67
C ALA E 58 20.33 -8.22 -6.58
N GLU E 59 20.58 -8.69 -5.36
CA GLU E 59 21.41 -9.87 -5.15
C GLU E 59 20.76 -11.01 -5.91
N ASP E 60 19.49 -11.26 -5.62
CA ASP E 60 18.72 -12.31 -6.27
C ASP E 60 18.80 -12.22 -7.79
N ALA E 61 18.71 -11.01 -8.32
CA ALA E 61 18.79 -10.83 -9.76
C ALA E 61 20.15 -11.30 -10.26
N GLU E 62 21.16 -11.25 -9.39
CA GLU E 62 22.51 -11.66 -9.72
C GLU E 62 22.62 -13.18 -9.62
N ILE E 63 22.04 -13.75 -8.57
CA ILE E 63 22.08 -15.17 -8.34
C ILE E 63 21.45 -15.93 -9.52
N VAL E 64 20.62 -15.22 -10.28
CA VAL E 64 19.96 -15.77 -11.46
C VAL E 64 20.78 -15.48 -12.69
N CYS E 65 21.30 -14.26 -12.77
CA CYS E 65 22.10 -13.80 -13.89
C CYS E 65 23.33 -14.71 -14.10
N ALA E 66 23.87 -15.23 -12.99
CA ALA E 66 25.04 -16.10 -13.03
C ALA E 66 24.75 -17.50 -13.57
N CYS E 67 23.49 -17.79 -13.86
CA CYS E 67 23.13 -19.09 -14.40
C CYS E 67 23.37 -19.07 -15.90
N PRO E 68 24.09 -20.08 -16.43
CA PRO E 68 24.44 -20.25 -17.84
C PRO E 68 23.28 -20.15 -18.83
N THR E 69 22.44 -21.19 -18.87
CA THR E 69 21.31 -21.24 -19.80
C THR E 69 19.95 -20.96 -19.16
N GLN E 70 18.98 -20.63 -20.01
CA GLN E 70 17.63 -20.33 -19.56
C GLN E 70 17.01 -21.40 -18.66
N PRO E 71 17.43 -22.67 -18.80
CA PRO E 71 16.82 -23.66 -17.92
C PRO E 71 17.33 -23.51 -16.50
N ASP E 72 18.59 -23.10 -16.41
CA ASP E 72 19.27 -22.87 -15.13
C ASP E 72 18.59 -21.71 -14.42
N LYS E 73 18.43 -20.60 -15.17
CA LYS E 73 17.77 -19.41 -14.65
C LYS E 73 16.38 -19.71 -14.13
N VAL E 74 15.63 -20.54 -14.86
CA VAL E 74 14.27 -20.87 -14.46
C VAL E 74 14.26 -21.69 -13.18
N ARG E 75 15.20 -22.65 -13.06
CA ARG E 75 15.31 -23.50 -11.87
C ARG E 75 15.67 -22.66 -10.65
N LYS E 76 16.49 -21.64 -10.87
CA LYS E 76 16.91 -20.73 -9.82
C LYS E 76 15.76 -19.82 -9.40
N ILE E 77 15.06 -19.25 -10.39
CA ILE E 77 13.93 -18.38 -10.11
C ILE E 77 12.87 -19.14 -9.31
N LEU E 78 12.62 -20.40 -9.68
CA LEU E 78 11.62 -21.19 -8.98
C LEU E 78 12.05 -21.49 -7.54
N ASP E 79 13.33 -21.76 -7.32
CA ASP E 79 13.77 -22.04 -5.95
C ASP E 79 13.73 -20.79 -5.08
N LEU E 80 14.04 -19.65 -5.69
CA LEU E 80 13.94 -18.40 -4.95
C LEU E 80 12.48 -18.11 -4.62
N VAL E 81 11.61 -18.17 -5.63
CA VAL E 81 10.20 -17.90 -5.42
C VAL E 81 9.58 -18.82 -4.36
N GLN E 82 9.86 -20.11 -4.46
CA GLN E 82 9.33 -21.07 -3.51
C GLN E 82 9.80 -20.77 -2.09
N SER E 83 11.06 -20.39 -1.94
CA SER E 83 11.59 -20.10 -0.62
C SER E 83 11.08 -18.76 -0.07
N LYS E 84 10.77 -17.80 -0.95
CA LYS E 84 10.28 -16.49 -0.53
C LYS E 84 8.90 -16.56 0.12
N GLY E 85 8.15 -17.64 -0.13
CA GLY E 85 6.85 -17.77 0.48
C GLY E 85 5.62 -17.84 -0.42
N GLU E 86 4.48 -18.04 0.24
CA GLU E 86 3.19 -18.14 -0.42
C GLU E 86 2.85 -16.90 -1.24
N GLU E 87 3.08 -15.73 -0.66
CA GLU E 87 2.77 -14.47 -1.35
C GLU E 87 3.50 -14.35 -2.68
N VAL E 88 4.80 -14.64 -2.68
CA VAL E 88 5.59 -14.54 -3.90
C VAL E 88 5.20 -15.61 -4.92
N SER E 89 4.92 -16.82 -4.44
CA SER E 89 4.54 -17.90 -5.35
C SER E 89 3.19 -17.59 -6.02
N GLU E 90 2.26 -17.03 -5.24
CA GLU E 90 0.96 -16.68 -5.81
C GLU E 90 1.18 -15.58 -6.84
N PHE E 91 2.03 -14.61 -6.51
CA PHE E 91 2.34 -13.52 -7.44
C PHE E 91 2.98 -14.07 -8.71
N PHE E 92 3.90 -15.01 -8.55
CA PHE E 92 4.61 -15.61 -9.68
C PHE E 92 3.64 -16.34 -10.62
N LEU E 93 2.73 -17.15 -10.05
CA LEU E 93 1.75 -17.88 -10.83
C LEU E 93 0.88 -16.93 -11.66
N TYR E 94 0.48 -15.81 -11.04
CA TYR E 94 -0.33 -14.82 -11.76
C TYR E 94 0.52 -14.15 -12.82
N LEU E 95 1.80 -13.94 -12.53
CA LEU E 95 2.70 -13.32 -13.49
C LEU E 95 2.85 -14.24 -14.72
N LEU E 96 2.97 -15.54 -14.48
CA LEU E 96 3.09 -16.50 -15.57
C LEU E 96 1.79 -16.50 -16.36
N GLN E 97 0.66 -16.36 -15.65
CA GLN E 97 -0.64 -16.32 -16.30
C GLN E 97 -0.71 -15.10 -17.21
N GLN E 98 -0.32 -13.94 -16.66
CA GLN E 98 -0.36 -12.69 -17.43
C GLN E 98 0.58 -12.74 -18.63
N LEU E 99 1.77 -13.30 -18.44
CA LEU E 99 2.75 -13.40 -19.52
C LEU E 99 2.32 -14.40 -20.60
N ALA E 100 1.69 -15.50 -20.17
CA ALA E 100 1.22 -16.51 -21.11
C ALA E 100 0.10 -15.96 -21.98
N ASP E 101 -0.63 -14.97 -21.48
CA ASP E 101 -1.73 -14.37 -22.25
C ASP E 101 -1.25 -13.13 -23.00
N ALA E 102 -0.04 -12.68 -22.68
CA ALA E 102 0.53 -11.47 -23.28
C ALA E 102 0.77 -11.53 -24.79
N TYR E 103 1.37 -12.61 -25.27
CA TYR E 103 1.68 -12.73 -26.69
C TYR E 103 1.01 -13.94 -27.30
N VAL E 104 -0.04 -14.44 -26.65
CA VAL E 104 -0.76 -15.59 -27.14
C VAL E 104 -1.33 -15.35 -28.54
N ASP E 105 -1.61 -14.09 -28.86
CA ASP E 105 -2.16 -13.74 -30.16
C ASP E 105 -1.03 -13.45 -31.14
N LEU E 106 -0.22 -14.46 -31.44
CA LEU E 106 0.90 -14.30 -32.36
C LEU E 106 1.35 -15.63 -32.98
N ARG E 107 2.68 -15.79 -33.10
CA ARG E 107 3.26 -17.01 -33.68
C ARG E 107 2.79 -17.21 -35.13
N HIS F 23 14.93 -1.77 -46.83
CA HIS F 23 14.62 -2.14 -45.42
C HIS F 23 13.65 -3.33 -45.37
N PRO F 24 14.15 -4.53 -45.71
CA PRO F 24 13.34 -5.76 -45.72
C PRO F 24 12.66 -6.08 -44.39
N HIS F 25 13.03 -5.36 -43.34
CA HIS F 25 12.43 -5.59 -42.02
C HIS F 25 11.67 -4.39 -41.47
N ILE F 26 12.33 -3.25 -41.38
CA ILE F 26 11.69 -2.04 -40.85
C ILE F 26 10.38 -1.72 -41.58
N GLN F 27 10.32 -2.05 -42.86
CA GLN F 27 9.13 -1.80 -43.66
C GLN F 27 8.09 -2.89 -43.47
N LEU F 28 8.35 -3.79 -42.52
CA LEU F 28 7.43 -4.88 -42.22
C LEU F 28 6.54 -4.48 -41.05
N LEU F 29 7.12 -3.74 -40.11
CA LEU F 29 6.37 -3.27 -38.95
C LEU F 29 5.28 -2.33 -39.44
N LYS F 30 5.60 -1.60 -40.51
CA LYS F 30 4.67 -0.66 -41.11
C LYS F 30 3.54 -1.45 -41.78
N SER F 31 3.89 -2.61 -42.34
CA SER F 31 2.93 -3.47 -43.00
C SER F 31 1.81 -3.85 -42.04
N ASN F 32 2.13 -4.70 -41.07
CA ASN F 32 1.17 -5.14 -40.07
C ASN F 32 1.20 -4.22 -38.85
N ARG F 33 1.08 -2.92 -39.10
CA ARG F 33 1.10 -1.92 -38.04
C ARG F 33 0.06 -2.21 -36.96
N GLU F 34 -1.16 -2.48 -37.39
CA GLU F 34 -2.26 -2.76 -36.47
C GLU F 34 -2.18 -4.17 -35.89
N LEU F 35 -1.76 -5.14 -36.70
CA LEU F 35 -1.65 -6.52 -36.26
C LEU F 35 -0.77 -6.62 -35.01
N LEU F 36 0.01 -5.58 -34.77
CA LEU F 36 0.91 -5.53 -33.62
C LEU F 36 0.25 -4.84 -32.43
N VAL F 37 -0.46 -3.75 -32.71
CA VAL F 37 -1.12 -2.99 -31.66
C VAL F 37 -2.45 -3.63 -31.22
N THR F 38 -2.71 -4.85 -31.67
CA THR F 38 -3.93 -5.55 -31.31
C THR F 38 -3.65 -7.03 -30.99
N HIS F 39 -2.37 -7.35 -30.83
CA HIS F 39 -1.94 -8.72 -30.52
C HIS F 39 -0.87 -8.70 -29.43
N ILE F 40 -0.13 -7.60 -29.37
CA ILE F 40 0.93 -7.45 -28.37
C ILE F 40 0.36 -6.61 -27.23
N ARG F 41 -0.13 -7.30 -26.20
CA ARG F 41 -0.72 -6.62 -25.05
C ARG F 41 0.31 -6.16 -24.02
N ASN F 42 1.31 -7.01 -23.76
CA ASN F 42 2.35 -6.67 -22.78
C ASN F 42 3.58 -6.05 -23.41
N THR F 43 3.73 -4.74 -23.26
CA THR F 43 4.91 -4.07 -23.81
C THR F 43 6.03 -4.00 -22.78
N GLN F 44 5.68 -4.38 -21.54
CA GLN F 44 6.60 -4.40 -20.41
C GLN F 44 7.87 -5.18 -20.73
N CYS F 45 7.71 -6.41 -21.21
CA CYS F 45 8.86 -7.26 -21.55
C CYS F 45 9.63 -6.72 -22.71
N LEU F 46 8.91 -6.25 -23.71
CA LEU F 46 9.54 -5.73 -24.92
C LEU F 46 10.47 -4.58 -24.61
N VAL F 47 9.97 -3.60 -23.87
CA VAL F 47 10.79 -2.45 -23.53
C VAL F 47 12.00 -2.87 -22.70
N ASP F 48 11.79 -3.77 -21.74
CA ASP F 48 12.87 -4.24 -20.89
C ASP F 48 13.98 -4.90 -21.71
N ASN F 49 13.61 -5.76 -22.65
CA ASN F 49 14.62 -6.43 -23.47
C ASN F 49 15.36 -5.44 -24.36
N LEU F 50 14.62 -4.48 -24.92
CA LEU F 50 15.24 -3.48 -25.78
C LEU F 50 16.25 -2.64 -24.99
N LEU F 51 15.95 -2.43 -23.71
CA LEU F 51 16.85 -1.68 -22.83
C LEU F 51 18.08 -2.50 -22.49
N LYS F 52 17.86 -3.76 -22.12
CA LYS F 52 18.91 -4.70 -21.75
C LYS F 52 19.93 -4.94 -22.86
N ASN F 53 19.49 -4.78 -24.10
CA ASN F 53 20.36 -5.00 -25.25
C ASN F 53 20.86 -3.70 -25.88
N ASP F 54 20.72 -2.61 -25.13
CA ASP F 54 21.17 -1.30 -25.58
C ASP F 54 20.61 -0.81 -26.91
N TYR F 55 19.34 -1.11 -27.17
CA TYR F 55 18.71 -0.65 -28.41
C TYR F 55 17.78 0.51 -28.06
N PHE F 56 17.35 0.54 -26.80
CA PHE F 56 16.49 1.59 -26.29
C PHE F 56 17.26 2.26 -25.17
N SER F 57 17.21 3.58 -25.13
CA SER F 57 17.90 4.34 -24.11
C SER F 57 16.92 4.67 -23.00
N ALA F 58 17.44 5.15 -21.87
CA ALA F 58 16.57 5.50 -20.74
C ALA F 58 15.43 6.39 -21.24
N GLU F 59 15.74 7.22 -22.22
CA GLU F 59 14.75 8.13 -22.80
C GLU F 59 13.78 7.40 -23.72
N ASP F 60 14.29 6.45 -24.52
CA ASP F 60 13.44 5.67 -25.41
C ASP F 60 12.40 4.96 -24.58
N ALA F 61 12.78 4.64 -23.33
CA ALA F 61 11.89 3.96 -22.39
C ALA F 61 10.95 4.97 -21.76
N GLU F 62 11.42 6.22 -21.63
CA GLU F 62 10.61 7.29 -21.06
C GLU F 62 9.58 7.75 -22.08
N ILE F 63 10.03 7.96 -23.31
CA ILE F 63 9.14 8.40 -24.38
C ILE F 63 7.93 7.49 -24.37
N VAL F 64 8.16 6.20 -24.12
CA VAL F 64 7.10 5.21 -24.07
C VAL F 64 6.48 5.23 -22.68
N CYS F 65 7.34 5.37 -21.68
CA CYS F 65 6.92 5.42 -20.28
C CYS F 65 5.74 6.39 -20.10
N ALA F 66 5.94 7.61 -20.56
CA ALA F 66 4.91 8.65 -20.44
C ALA F 66 3.89 8.60 -21.58
N CYS F 67 3.36 7.40 -21.85
CA CYS F 67 2.36 7.26 -22.89
C CYS F 67 0.96 7.15 -22.31
N PRO F 68 -0.06 7.52 -23.09
CA PRO F 68 -1.46 7.48 -22.65
C PRO F 68 -1.89 6.10 -22.17
N THR F 69 -2.10 5.19 -23.13
CA THR F 69 -2.54 3.84 -22.84
C THR F 69 -1.53 2.81 -23.35
N GLN F 70 -1.99 1.58 -23.53
CA GLN F 70 -1.14 0.51 -24.04
C GLN F 70 -1.00 0.60 -25.56
N PRO F 71 -2.13 0.70 -26.28
CA PRO F 71 -2.02 0.80 -27.74
C PRO F 71 -1.08 1.95 -28.14
N ASP F 72 -1.09 3.02 -27.36
CA ASP F 72 -0.23 4.16 -27.63
C ASP F 72 1.23 3.77 -27.38
N LYS F 73 1.44 2.96 -26.36
CA LYS F 73 2.79 2.51 -26.04
C LYS F 73 3.33 1.59 -27.13
N VAL F 74 2.47 0.73 -27.67
CA VAL F 74 2.91 -0.17 -28.74
C VAL F 74 3.26 0.62 -29.99
N ARG F 75 2.48 1.64 -30.31
CA ARG F 75 2.80 2.43 -31.50
C ARG F 75 4.13 3.14 -31.28
N LYS F 76 4.32 3.66 -30.06
CA LYS F 76 5.55 4.36 -29.73
C LYS F 76 6.74 3.43 -29.85
N ILE F 77 6.62 2.22 -29.31
CA ILE F 77 7.69 1.23 -29.37
C ILE F 77 8.01 0.89 -30.83
N LEU F 78 6.98 0.76 -31.65
CA LEU F 78 7.17 0.44 -33.06
C LEU F 78 7.86 1.58 -33.80
N ASP F 79 7.47 2.82 -33.46
CA ASP F 79 8.07 3.99 -34.09
C ASP F 79 9.55 4.03 -33.75
N LEU F 80 9.87 3.85 -32.47
CA LEU F 80 11.25 3.86 -32.01
C LEU F 80 12.06 2.76 -32.67
N VAL F 81 11.54 1.52 -32.62
CA VAL F 81 12.23 0.39 -33.22
C VAL F 81 12.51 0.64 -34.71
N GLN F 82 11.52 1.20 -35.40
CA GLN F 82 11.66 1.50 -36.83
C GLN F 82 12.48 2.77 -37.04
N SER F 83 13.12 3.26 -35.98
CA SER F 83 13.94 4.47 -36.06
C SER F 83 14.76 4.51 -37.34
N LYS F 84 15.92 3.86 -37.31
CA LYS F 84 16.78 3.81 -38.48
C LYS F 84 17.54 2.48 -38.56
N GLY F 85 18.35 2.20 -37.54
CA GLY F 85 19.12 0.97 -37.51
C GLY F 85 18.21 -0.24 -37.54
N GLU F 86 18.19 -0.96 -38.66
CA GLU F 86 17.36 -2.13 -38.80
C GLU F 86 17.87 -3.32 -37.99
N GLU F 87 19.14 -3.33 -37.64
CA GLU F 87 19.69 -4.42 -36.84
C GLU F 87 18.94 -4.42 -35.52
N VAL F 88 18.28 -3.30 -35.23
CA VAL F 88 17.50 -3.14 -34.01
C VAL F 88 16.13 -3.77 -34.29
N SER F 89 15.56 -3.44 -35.44
CA SER F 89 14.26 -3.98 -35.86
C SER F 89 14.47 -5.46 -36.18
N GLU F 90 15.72 -5.80 -36.45
CA GLU F 90 16.14 -7.16 -36.79
C GLU F 90 16.17 -8.00 -35.50
N PHE F 91 16.42 -7.33 -34.39
CA PHE F 91 16.48 -7.96 -33.07
C PHE F 91 15.05 -8.23 -32.61
N PHE F 92 14.14 -7.35 -33.01
CA PHE F 92 12.73 -7.46 -32.66
C PHE F 92 12.23 -8.84 -33.06
N LEU F 93 12.62 -9.28 -34.24
CA LEU F 93 12.24 -10.60 -34.75
C LEU F 93 12.57 -11.62 -33.69
N TYR F 94 13.87 -11.82 -33.48
CA TYR F 94 14.34 -12.77 -32.48
C TYR F 94 13.66 -12.52 -31.13
N LEU F 95 13.22 -11.29 -30.90
CA LEU F 95 12.57 -10.92 -29.65
C LEU F 95 11.13 -11.45 -29.59
N LEU F 96 10.26 -10.94 -30.46
CA LEU F 96 8.88 -11.41 -30.48
C LEU F 96 8.84 -12.91 -30.78
N GLN F 97 9.80 -13.38 -31.58
CA GLN F 97 9.87 -14.80 -31.91
C GLN F 97 10.08 -15.59 -30.63
N GLN F 98 10.91 -15.07 -29.72
CA GLN F 98 11.18 -15.75 -28.46
C GLN F 98 10.12 -15.49 -27.40
N LEU F 99 9.51 -14.30 -27.42
CA LEU F 99 8.49 -13.97 -26.44
C LEU F 99 7.17 -14.68 -26.75
N ALA F 100 6.82 -14.73 -28.03
CA ALA F 100 5.59 -15.39 -28.46
C ALA F 100 5.68 -16.90 -28.20
N ASP F 101 6.86 -17.37 -27.80
CA ASP F 101 7.06 -18.79 -27.52
C ASP F 101 7.53 -19.02 -26.09
N ALA F 102 7.93 -17.93 -25.42
CA ALA F 102 8.43 -18.02 -24.06
C ALA F 102 7.43 -18.48 -23.00
N TYR F 103 6.17 -18.09 -23.13
CA TYR F 103 5.18 -18.46 -22.13
C TYR F 103 3.87 -19.06 -22.64
N VAL F 104 3.69 -19.11 -23.95
CA VAL F 104 2.43 -19.63 -24.49
C VAL F 104 2.18 -21.11 -24.16
N ASP F 105 3.23 -21.90 -24.05
CA ASP F 105 3.08 -23.33 -23.73
C ASP F 105 2.53 -23.59 -22.32
N LEU F 106 2.41 -22.53 -21.53
CA LEU F 106 1.90 -22.67 -20.17
C LEU F 106 0.38 -22.54 -20.09
N ARG F 107 -0.25 -21.97 -21.13
CA ARG F 107 -1.70 -21.80 -21.12
C ARG F 107 -2.51 -23.06 -20.84
N PRO F 108 -2.19 -24.17 -21.52
CA PRO F 108 -2.96 -25.40 -21.27
C PRO F 108 -2.78 -25.84 -19.83
N TRP F 109 -1.54 -25.79 -19.35
CA TRP F 109 -1.22 -26.18 -18.00
C TRP F 109 -1.95 -25.31 -16.97
N LEU F 110 -1.95 -24.01 -17.19
CA LEU F 110 -2.62 -23.08 -16.28
C LEU F 110 -4.11 -23.35 -16.23
N LEU F 111 -4.66 -23.77 -17.37
CA LEU F 111 -6.08 -24.07 -17.47
C LEU F 111 -6.40 -25.34 -16.70
N GLU F 112 -5.60 -26.38 -16.94
CA GLU F 112 -5.77 -27.68 -16.31
C GLU F 112 -5.61 -27.66 -14.80
N ILE F 113 -4.51 -27.11 -14.30
CA ILE F 113 -4.30 -27.07 -12.85
C ILE F 113 -5.42 -26.28 -12.18
N GLY F 114 -6.26 -25.65 -12.99
CA GLY F 114 -7.35 -24.85 -12.46
C GLY F 114 -6.81 -23.48 -12.08
N PHE F 115 -6.79 -22.56 -13.03
CA PHE F 115 -6.27 -21.22 -12.78
C PHE F 115 -6.82 -20.24 -13.82
N SER F 116 -8.09 -19.88 -13.66
CA SER F 116 -8.73 -18.95 -14.57
C SER F 116 -7.94 -17.65 -14.68
CAC FLC G . -2.53 22.30 5.28
CA FLC G . -3.23 21.91 6.58
CB FLC G . -2.31 21.97 7.85
CBC FLC G . -1.11 21.03 7.72
CG FLC G . -1.79 23.42 8.11
CGC FLC G . -2.92 24.37 8.50
OA1 FLC G . -2.12 21.44 4.53
OA2 FLC G . -2.40 23.48 4.99
OB1 FLC G . -1.06 19.96 8.43
OB2 FLC G . -0.15 21.30 6.92
OG1 FLC G . -3.48 24.24 9.57
OG2 FLC G . -3.26 25.25 7.74
OHB FLC G . -3.09 21.55 8.98
#